data_6NPP
#
_entry.id   6NPP
#
_cell.length_a   59.353
_cell.length_b   68.526
_cell.length_c   69.897
_cell.angle_alpha   90.00
_cell.angle_beta   90.00
_cell.angle_gamma   90.00
#
_symmetry.space_group_name_H-M   'P 21 21 21'
#
loop_
_entity.id
_entity.type
_entity.pdbx_description
1 polymer 'Epstein-Barr nuclear antigen 1'
2 polymer EBNA1
3 non-polymer '3-(phenylethynyl)-2-(1H-pyrrol-1-yl)benzoic acid'
4 water water
#
loop_
_entity_poly.entity_id
_entity_poly.type
_entity_poly.pdbx_seq_one_letter_code
_entity_poly.pdbx_strand_id
1 'polypeptide(L)'
;SHMGQGGSNPKFENIAEGLRALLARSHVERTTDEGTWVAGVFVYGGSKTSLYNLRRGTALAIPQCRLTPLSRLPFGMAPG
PGPQPGPLRESIVCYFMVFLQTHIFAEVLKDAIKDLVMTKPAPTCNIRVTVCSFDDGVDLP
;
A
2 'polypeptide(L)'
;SNPKFENIAEGLRALLARSHVERTTDEGTWVAGVFVYGGSKTSLYNLRRGTALAIPQCRLTPLSRLPFGMAPGPGPQPGP
LRESIVCYFMVFLQTHIFAEVLKDAIKDLVMTKPAPTCNIRVTVCSFDDGVDLP
;
B
#
loop_
_chem_comp.id
_chem_comp.type
_chem_comp.name
_chem_comp.formula
KWG non-polymer '3-(phenylethynyl)-2-(1H-pyrrol-1-yl)benzoic acid' 'C19 H13 N O2'
#
# COMPACT_ATOMS: atom_id res chain seq x y z
N SER A 1 18.79 -6.21 29.35
CA SER A 1 17.54 -5.83 28.68
C SER A 1 16.34 -6.28 29.49
N HIS A 2 15.21 -5.60 29.36
CA HIS A 2 14.04 -5.96 30.13
C HIS A 2 13.51 -7.34 29.74
N MET A 3 12.99 -8.07 30.74
CA MET A 3 12.44 -9.40 30.57
C MET A 3 11.09 -9.47 31.26
N GLY A 4 10.07 -9.91 30.54
CA GLY A 4 8.75 -10.07 31.10
C GLY A 4 8.64 -11.20 32.11
N GLN A 5 7.45 -11.29 32.71
CA GLN A 5 7.20 -12.30 33.73
C GLN A 5 7.47 -13.70 33.18
N GLY A 6 8.20 -14.48 33.95
CA GLY A 6 8.49 -15.82 33.53
C GLY A 6 9.60 -15.93 32.51
N GLY A 7 10.33 -14.86 32.24
CA GLY A 7 11.51 -14.98 31.40
C GLY A 7 11.27 -14.90 29.91
N SER A 8 10.23 -14.19 29.48
CA SER A 8 9.98 -14.05 28.05
C SER A 8 9.26 -12.73 27.82
N ASN A 9 9.41 -12.23 26.59
CA ASN A 9 8.62 -11.10 26.11
C ASN A 9 7.73 -11.52 24.94
N PRO A 10 6.64 -10.79 24.69
CA PRO A 10 5.85 -11.03 23.49
C PRO A 10 6.65 -10.80 22.22
N LYS A 11 6.24 -11.52 21.16
CA LYS A 11 6.98 -11.47 19.91
C LYS A 11 7.09 -10.04 19.38
N PHE A 12 6.01 -9.25 19.50
CA PHE A 12 6.07 -7.90 18.95
C PHE A 12 7.05 -7.02 19.73
N GLU A 13 7.24 -7.26 21.03
CA GLU A 13 8.23 -6.50 21.78
C GLU A 13 9.63 -6.87 21.33
N ASN A 14 9.88 -8.15 21.10
CA ASN A 14 11.20 -8.57 20.65
C ASN A 14 11.49 -8.05 19.24
N ILE A 15 10.48 -8.01 18.38
CA ILE A 15 10.65 -7.39 17.07
C ILE A 15 11.07 -5.92 17.23
N ALA A 16 10.39 -5.20 18.11
CA ALA A 16 10.74 -3.80 18.29
C ALA A 16 12.19 -3.64 18.73
N GLU A 17 12.63 -4.49 19.65
CA GLU A 17 14.02 -4.41 20.09
C GLU A 17 15.00 -4.74 18.97
N GLY A 18 14.69 -5.77 18.18
CA GLY A 18 15.54 -6.10 17.04
C GLY A 18 15.62 -4.97 16.05
N LEU A 19 14.47 -4.37 15.72
CA LEU A 19 14.49 -3.25 14.79
C LEU A 19 15.29 -2.08 15.36
N ARG A 20 15.09 -1.78 16.64
CA ARG A 20 15.85 -0.68 17.24
C ARG A 20 17.35 -0.91 17.11
N ALA A 21 17.81 -2.14 17.36
CA ALA A 21 19.23 -2.42 17.27
C ALA A 21 19.75 -2.21 15.84
N LEU A 22 19.03 -2.73 14.86
CA LEU A 22 19.47 -2.56 13.48
C LEU A 22 19.43 -1.10 13.05
N LEU A 23 18.34 -0.40 13.37
CA LEU A 23 18.21 0.97 12.93
C LEU A 23 19.21 1.90 13.60
N ALA A 24 19.71 1.53 14.78
CA ALA A 24 20.70 2.37 15.45
C ALA A 24 21.98 2.48 14.65
N ARG A 25 22.20 1.55 13.71
CA ARG A 25 23.38 1.57 12.88
C ARG A 25 23.33 2.66 11.82
N SER A 26 22.16 3.24 11.56
CA SER A 26 21.96 4.11 10.41
C SER A 26 21.42 5.46 10.88
N HIS A 27 22.21 6.52 10.73
CA HIS A 27 21.83 7.86 11.17
C HIS A 27 21.28 8.67 10.01
N VAL A 28 20.33 8.10 9.30
CA VAL A 28 19.78 8.74 8.12
C VAL A 28 18.59 9.60 8.48
N GLU A 29 18.29 10.56 7.60
CA GLU A 29 17.13 11.42 7.82
C GLU A 29 15.85 10.60 7.81
N ARG A 30 14.96 10.87 8.77
CA ARG A 30 13.66 10.23 8.82
C ARG A 30 12.49 11.16 8.54
N THR A 31 12.72 12.47 8.62
CA THR A 31 11.67 13.46 8.39
C THR A 31 12.22 14.57 7.50
N THR A 32 11.30 15.36 6.95
CA THR A 32 11.62 16.55 6.17
C THR A 32 10.81 17.72 6.69
N ASP A 33 11.28 18.92 6.33
CA ASP A 33 10.51 20.13 6.61
C ASP A 33 9.10 20.02 6.05
N GLU A 34 9.00 19.61 4.79
CA GLU A 34 7.69 19.57 4.15
C GLU A 34 6.78 18.52 4.77
N GLY A 35 7.33 17.48 5.37
CA GLY A 35 6.51 16.48 6.08
C GLY A 35 5.62 15.68 5.17
N THR A 36 6.01 15.48 3.93
CA THR A 36 5.22 14.75 2.97
C THR A 36 5.57 13.25 2.99
N TRP A 37 4.57 12.43 2.69
CA TRP A 37 4.67 10.98 2.79
C TRP A 37 4.97 10.50 1.37
N VAL A 38 6.25 10.45 1.04
CA VAL A 38 6.69 10.20 -0.33
C VAL A 38 7.24 8.82 -0.53
N ALA A 39 7.50 8.08 0.55
CA ALA A 39 8.18 6.81 0.47
C ALA A 39 7.44 5.80 1.33
N GLY A 40 7.75 4.54 1.10
CA GLY A 40 7.10 3.52 1.91
C GLY A 40 7.86 2.22 1.83
N VAL A 41 7.43 1.29 2.68
CA VAL A 41 7.86 -0.10 2.65
C VAL A 41 6.61 -0.94 2.58
N PHE A 42 6.56 -1.85 1.61
CA PHE A 42 5.43 -2.74 1.35
C PHE A 42 5.86 -4.14 1.83
N VAL A 43 5.13 -4.68 2.80
CA VAL A 43 5.53 -5.87 3.54
C VAL A 43 4.44 -6.91 3.37
N TYR A 44 4.81 -8.14 3.03
CA TYR A 44 3.79 -9.11 2.67
C TYR A 44 4.32 -10.53 2.86
N GLY A 45 3.41 -11.51 2.79
CA GLY A 45 3.79 -12.90 2.93
C GLY A 45 3.94 -13.34 4.36
N GLY A 46 4.68 -14.44 4.53
CA GLY A 46 4.80 -15.07 5.82
C GLY A 46 3.51 -15.76 6.20
N SER A 47 2.83 -15.19 7.17
CA SER A 47 1.51 -15.61 7.59
C SER A 47 0.86 -14.37 8.20
N LYS A 48 -0.45 -14.43 8.41
CA LYS A 48 -1.11 -13.28 9.00
C LYS A 48 -0.56 -12.98 10.39
N THR A 49 -0.35 -14.02 11.19
CA THR A 49 0.13 -13.79 12.55
C THR A 49 1.54 -13.21 12.55
N SER A 50 2.41 -13.68 11.65
CA SER A 50 3.76 -13.13 11.63
C SER A 50 3.76 -11.67 11.19
N LEU A 51 2.92 -11.32 10.21
CA LEU A 51 2.82 -9.91 9.82
C LEU A 51 2.20 -9.08 10.93
N TYR A 52 1.21 -9.63 11.62
CA TYR A 52 0.61 -8.93 12.77
C TYR A 52 1.68 -8.54 13.77
N ASN A 53 2.56 -9.49 14.13
CA ASN A 53 3.60 -9.23 15.12
C ASN A 53 4.59 -8.19 14.58
N LEU A 54 4.95 -8.32 13.30
CA LEU A 54 5.90 -7.38 12.70
C LEU A 54 5.33 -5.98 12.64
N ARG A 55 4.06 -5.85 12.25
CA ARG A 55 3.40 -4.54 12.20
C ARG A 55 3.37 -3.90 13.58
N ARG A 56 2.98 -4.67 14.61
CA ARG A 56 2.93 -4.10 15.95
C ARG A 56 4.31 -3.68 16.42
N GLY A 57 5.33 -4.48 16.12
CA GLY A 57 6.67 -4.17 16.57
C GLY A 57 7.28 -3.01 15.83
N THR A 58 6.96 -2.86 14.54
CA THR A 58 7.40 -1.72 13.77
C THR A 58 6.87 -0.43 14.37
N ALA A 59 5.58 -0.40 14.71
CA ALA A 59 5.00 0.80 15.29
C ALA A 59 5.67 1.17 16.60
N LEU A 60 5.96 0.16 17.44
CA LEU A 60 6.60 0.40 18.72
C LEU A 60 8.01 0.96 18.52
N ALA A 61 8.71 0.49 17.49
CA ALA A 61 10.10 0.89 17.26
C ALA A 61 10.23 2.24 16.57
N ILE A 62 9.24 2.66 15.78
CA ILE A 62 9.40 3.81 14.88
C ILE A 62 8.24 4.77 14.98
N PRO A 63 8.33 5.78 15.83
CA PRO A 63 7.24 6.79 15.90
C PRO A 63 7.10 7.61 14.64
N GLN A 64 8.14 7.71 13.82
CA GLN A 64 8.13 8.59 12.67
C GLN A 64 7.39 8.00 11.47
N CYS A 65 6.89 6.79 11.59
CA CYS A 65 6.22 6.15 10.47
C CYS A 65 4.70 6.09 10.72
N ARG A 66 3.99 5.68 9.68
CA ARG A 66 2.54 5.46 9.78
C ARG A 66 2.23 4.16 9.06
N LEU A 67 1.28 3.38 9.56
CA LEU A 67 1.06 2.03 9.05
C LEU A 67 -0.38 1.84 8.61
N THR A 68 -0.57 1.09 7.55
CA THR A 68 -1.91 0.64 7.26
C THR A 68 -2.27 -0.55 8.11
N PRO A 69 -3.55 -0.89 8.18
CA PRO A 69 -3.95 -2.21 8.70
C PRO A 69 -3.36 -3.34 7.86
N LEU A 70 -3.46 -4.53 8.42
CA LEU A 70 -3.29 -5.74 7.62
C LEU A 70 -4.43 -5.84 6.61
N SER A 71 -4.09 -6.26 5.39
CA SER A 71 -5.07 -6.55 4.36
C SER A 71 -4.55 -7.73 3.56
N ARG A 72 -5.15 -7.95 2.39
CA ARG A 72 -4.85 -9.12 1.57
C ARG A 72 -4.44 -8.72 0.17
N LEU A 73 -3.58 -9.53 -0.44
CA LEU A 73 -3.13 -9.33 -1.81
C LEU A 73 -4.03 -10.06 -2.80
N PRO A 74 -4.21 -9.47 -3.97
CA PRO A 74 -4.79 -10.22 -5.10
C PRO A 74 -3.76 -11.20 -5.64
N PHE A 75 -4.21 -12.03 -6.58
CA PHE A 75 -3.34 -12.99 -7.23
C PHE A 75 -2.56 -12.31 -8.34
N GLY A 76 -1.48 -12.97 -8.78
CA GLY A 76 -0.76 -12.55 -9.95
C GLY A 76 -1.36 -13.18 -11.20
N MET A 77 -0.53 -13.88 -11.95
CA MET A 77 -1.01 -14.58 -13.12
C MET A 77 -1.99 -15.67 -12.70
N ALA A 78 -3.04 -15.83 -13.49
CA ALA A 78 -4.01 -16.91 -13.33
C ALA A 78 -4.68 -16.92 -11.95
N PRO A 79 -5.51 -15.92 -11.67
CA PRO A 79 -6.21 -15.89 -10.37
C PRO A 79 -7.07 -17.12 -10.10
N GLY A 80 -7.20 -17.45 -8.81
CA GLY A 80 -8.09 -18.51 -8.38
C GLY A 80 -9.52 -18.19 -8.72
N PRO A 81 -10.45 -19.13 -8.54
CA PRO A 81 -11.83 -18.89 -8.96
C PRO A 81 -12.61 -17.99 -7.99
N GLY A 82 -13.70 -17.43 -8.51
CA GLY A 82 -14.53 -16.54 -7.73
C GLY A 82 -15.54 -15.83 -8.59
N PRO A 83 -16.60 -15.29 -7.97
CA PRO A 83 -17.66 -14.64 -8.76
C PRO A 83 -17.30 -13.26 -9.27
N GLN A 84 -16.31 -12.61 -8.65
CA GLN A 84 -15.92 -11.28 -9.10
C GLN A 84 -14.91 -11.36 -10.25
N PRO A 85 -14.79 -10.30 -11.03
CA PRO A 85 -13.70 -10.23 -12.02
C PRO A 85 -12.35 -10.55 -11.41
N GLY A 86 -11.50 -11.20 -12.20
CA GLY A 86 -10.19 -11.64 -11.77
C GLY A 86 -9.37 -10.65 -10.98
N PRO A 87 -9.30 -9.39 -11.43
CA PRO A 87 -8.44 -8.41 -10.73
C PRO A 87 -8.80 -8.21 -9.27
N LEU A 88 -10.03 -8.52 -8.89
CA LEU A 88 -10.52 -8.27 -7.53
C LEU A 88 -10.33 -9.44 -6.59
N ARG A 89 -10.03 -10.63 -7.11
N ARG A 89 -10.03 -10.63 -7.11
CA ARG A 89 -10.07 -11.83 -6.27
CA ARG A 89 -10.06 -11.81 -6.27
C ARG A 89 -8.90 -11.85 -5.29
C ARG A 89 -8.90 -11.80 -5.28
N GLU A 90 -9.21 -12.20 -4.04
CA GLU A 90 -8.25 -12.11 -2.96
C GLU A 90 -7.61 -13.46 -2.70
N SER A 91 -6.27 -13.43 -2.62
CA SER A 91 -5.49 -14.55 -2.16
C SER A 91 -5.56 -14.63 -0.64
N ILE A 92 -4.91 -15.66 -0.06
CA ILE A 92 -4.78 -15.70 1.40
C ILE A 92 -3.52 -15.01 1.89
N VAL A 93 -2.71 -14.45 1.00
CA VAL A 93 -1.48 -13.77 1.39
C VAL A 93 -1.82 -12.37 1.87
N CYS A 94 -1.27 -11.98 3.01
CA CYS A 94 -1.57 -10.70 3.62
C CYS A 94 -0.43 -9.70 3.38
N TYR A 95 -0.73 -8.43 3.68
CA TYR A 95 0.25 -7.36 3.52
C TYR A 95 -0.09 -6.21 4.45
N PHE A 96 0.90 -5.33 4.64
CA PHE A 96 0.67 -4.00 5.18
C PHE A 96 1.70 -3.05 4.56
N MET A 97 1.43 -1.76 4.67
N MET A 97 1.42 -1.77 4.69
CA MET A 97 2.32 -0.74 4.11
CA MET A 97 2.30 -0.72 4.17
C MET A 97 2.71 0.25 5.18
C MET A 97 2.76 0.17 5.30
N VAL A 98 3.99 0.65 5.16
CA VAL A 98 4.55 1.66 6.05
C VAL A 98 4.75 2.91 5.20
N PHE A 99 4.24 4.06 5.66
CA PHE A 99 4.50 5.32 4.99
C PHE A 99 5.64 6.04 5.71
N LEU A 100 6.53 6.68 4.94
CA LEU A 100 7.70 7.36 5.47
C LEU A 100 7.92 8.67 4.74
N GLN A 101 8.66 9.58 5.39
CA GLN A 101 8.90 10.89 4.83
C GLN A 101 10.17 10.97 4.01
N THR A 102 11.04 9.97 4.07
CA THR A 102 12.26 10.01 3.28
C THR A 102 12.52 8.69 2.55
N HIS A 103 13.11 8.82 1.37
CA HIS A 103 13.42 7.63 0.59
C HIS A 103 14.54 6.83 1.24
N ILE A 104 15.51 7.51 1.87
CA ILE A 104 16.59 6.76 2.48
C ILE A 104 16.10 5.96 3.68
N PHE A 105 15.21 6.53 4.50
CA PHE A 105 14.75 5.77 5.65
C PHE A 105 13.93 4.57 5.21
N ALA A 106 13.19 4.68 4.11
CA ALA A 106 12.52 3.50 3.58
C ALA A 106 13.51 2.41 3.23
N GLU A 107 14.63 2.77 2.60
CA GLU A 107 15.65 1.78 2.27
C GLU A 107 16.20 1.12 3.52
N VAL A 108 16.52 1.92 4.54
CA VAL A 108 17.09 1.39 5.78
C VAL A 108 16.10 0.47 6.48
N LEU A 109 14.82 0.84 6.50
CA LEU A 109 13.84 -0.01 7.14
C LEU A 109 13.61 -1.30 6.37
N LYS A 110 13.56 -1.23 5.04
CA LYS A 110 13.46 -2.43 4.23
C LYS A 110 14.61 -3.39 4.57
N ASP A 111 15.83 -2.87 4.64
CA ASP A 111 16.96 -3.76 4.90
C ASP A 111 16.89 -4.31 6.31
N ALA A 112 16.44 -3.50 7.28
CA ALA A 112 16.31 -3.97 8.66
C ALA A 112 15.29 -5.10 8.75
N ILE A 113 14.12 -4.93 8.13
CA ILE A 113 13.11 -6.00 8.16
C ILE A 113 13.69 -7.27 7.56
N LYS A 114 14.38 -7.14 6.42
CA LYS A 114 14.94 -8.31 5.76
C LYS A 114 15.93 -9.02 6.69
N ASP A 115 16.80 -8.25 7.33
CA ASP A 115 17.78 -8.85 8.22
C ASP A 115 17.12 -9.49 9.43
N LEU A 116 16.06 -8.87 9.96
CA LEU A 116 15.42 -9.36 11.17
C LEU A 116 14.68 -10.66 10.91
N VAL A 117 13.89 -10.72 9.83
CA VAL A 117 13.08 -11.90 9.61
C VAL A 117 13.94 -13.11 9.26
N MET A 118 15.13 -12.89 8.71
CA MET A 118 16.03 -13.99 8.38
C MET A 118 16.50 -14.74 9.63
N THR A 119 16.36 -14.13 10.81
CA THR A 119 16.75 -14.78 12.06
C THR A 119 15.62 -15.55 12.71
N LYS A 120 14.41 -15.51 12.12
CA LYS A 120 13.25 -16.16 12.70
C LYS A 120 12.88 -17.43 11.91
N PRO A 121 12.20 -18.38 12.55
CA PRO A 121 11.80 -19.60 11.84
C PRO A 121 10.64 -19.30 10.91
N ALA A 122 10.38 -20.26 10.00
CA ALA A 122 9.20 -20.16 9.15
C ALA A 122 7.96 -20.18 10.04
N PRO A 123 6.91 -19.43 9.69
CA PRO A 123 6.79 -18.68 8.42
C PRO A 123 7.36 -17.26 8.40
N THR A 124 7.84 -16.78 9.55
CA THR A 124 8.28 -15.40 9.65
C THR A 124 9.39 -15.09 8.65
N CYS A 125 10.30 -16.06 8.42
CA CYS A 125 11.39 -15.80 7.49
C CYS A 125 10.94 -15.71 6.04
N ASN A 126 9.68 -16.05 5.75
CA ASN A 126 9.16 -15.95 4.40
C ASN A 126 8.52 -14.60 4.12
N ILE A 127 8.49 -13.70 5.10
CA ILE A 127 8.05 -12.33 4.88
C ILE A 127 8.94 -11.66 3.83
N ARG A 128 8.31 -10.92 2.93
CA ARG A 128 8.94 -10.21 1.84
C ARG A 128 8.72 -8.71 2.04
N VAL A 129 9.66 -7.92 1.54
CA VAL A 129 9.57 -6.47 1.65
C VAL A 129 10.18 -5.81 0.44
N THR A 130 9.52 -4.75 -0.04
CA THR A 130 10.08 -3.86 -1.05
C THR A 130 9.84 -2.41 -0.66
N VAL A 131 10.81 -1.55 -0.95
CA VAL A 131 10.57 -0.12 -0.87
C VAL A 131 9.56 0.25 -1.94
N CYS A 132 8.80 1.30 -1.67
CA CYS A 132 7.93 1.90 -2.66
C CYS A 132 8.09 3.42 -2.61
N SER A 133 7.65 4.06 -3.68
N SER A 133 7.59 4.05 -3.67
CA SER A 133 7.69 5.51 -3.75
CA SER A 133 7.70 5.49 -3.87
C SER A 133 6.37 5.99 -4.34
C SER A 133 6.33 5.97 -4.34
N PHE A 134 5.94 7.16 -3.89
CA PHE A 134 4.67 7.78 -4.28
C PHE A 134 4.97 9.08 -5.01
N ASP A 135 4.66 9.14 -6.30
CA ASP A 135 5.12 10.26 -7.11
C ASP A 135 4.64 11.59 -6.55
N ASP A 136 3.39 11.66 -6.12
CA ASP A 136 2.80 12.91 -5.64
C ASP A 136 2.62 12.90 -4.13
N GLY A 137 3.22 11.94 -3.45
CA GLY A 137 3.01 11.73 -2.03
C GLY A 137 1.63 11.16 -1.78
N VAL A 138 1.37 10.84 -0.52
CA VAL A 138 0.05 10.48 -0.03
C VAL A 138 -0.33 11.49 1.03
N ASP A 139 -1.47 12.14 0.87
N ASP A 139 -1.42 12.21 0.83
CA ASP A 139 -1.91 13.20 1.78
CA ASP A 139 -1.85 13.21 1.80
C ASP A 139 -2.66 12.57 2.96
C ASP A 139 -2.64 12.50 2.91
N LEU A 140 -1.92 11.99 3.89
CA LEU A 140 -2.53 11.32 5.03
C LEU A 140 -3.32 12.31 5.87
N PRO A 141 -4.48 11.91 6.41
CA PRO A 141 -5.39 12.87 7.05
C PRO A 141 -5.05 13.25 8.49
N SER B 1 -25.33 -6.67 -15.45
CA SER B 1 -26.09 -6.91 -14.23
C SER B 1 -25.73 -5.90 -13.13
N ASN B 2 -24.66 -5.14 -13.35
CA ASN B 2 -24.20 -4.14 -12.38
C ASN B 2 -24.00 -2.82 -13.13
N PRO B 3 -25.08 -2.09 -13.38
CA PRO B 3 -24.95 -0.92 -14.26
C PRO B 3 -24.03 0.16 -13.71
N LYS B 4 -23.99 0.34 -12.39
CA LYS B 4 -23.09 1.34 -11.81
C LYS B 4 -21.64 1.00 -12.10
N PHE B 5 -21.22 -0.24 -11.78
CA PHE B 5 -19.84 -0.60 -12.02
C PHE B 5 -19.53 -0.57 -13.51
N GLU B 6 -20.49 -1.00 -14.34
CA GLU B 6 -20.27 -1.01 -15.79
C GLU B 6 -20.18 0.40 -16.34
N ASN B 7 -20.94 1.34 -15.77
CA ASN B 7 -20.88 2.71 -16.26
C ASN B 7 -19.54 3.35 -15.94
N ILE B 8 -19.00 3.09 -14.74
CA ILE B 8 -17.68 3.57 -14.38
C ILE B 8 -16.64 2.97 -15.31
N ALA B 9 -16.76 1.66 -15.55
CA ALA B 9 -15.85 1.01 -16.48
C ALA B 9 -15.92 1.65 -17.86
N GLU B 10 -17.12 1.93 -18.36
CA GLU B 10 -17.21 2.55 -19.68
C GLU B 10 -16.56 3.93 -19.70
N GLY B 11 -16.78 4.72 -18.65
CA GLY B 11 -16.16 6.04 -18.58
C GLY B 11 -14.65 5.95 -18.54
N LEU B 12 -14.11 5.00 -17.78
CA LEU B 12 -12.67 4.82 -17.75
C LEU B 12 -12.16 4.40 -19.11
N ARG B 13 -12.84 3.42 -19.74
CA ARG B 13 -12.40 2.95 -21.04
C ARG B 13 -12.29 4.06 -22.06
N ALA B 14 -13.27 4.99 -22.05
CA ALA B 14 -13.27 6.08 -23.02
C ALA B 14 -12.05 6.97 -22.83
N LEU B 15 -11.68 7.22 -21.58
CA LEU B 15 -10.48 8.01 -21.32
C LEU B 15 -9.23 7.23 -21.67
N LEU B 16 -9.20 5.94 -21.34
CA LEU B 16 -8.03 5.13 -21.64
C LEU B 16 -7.87 4.88 -23.12
N ALA B 17 -8.95 5.04 -23.90
CA ALA B 17 -8.89 4.80 -25.34
C ALA B 17 -7.92 5.74 -26.04
N ARG B 18 -7.61 6.86 -25.40
CA ARG B 18 -6.76 7.89 -26.01
C ARG B 18 -5.29 7.49 -25.99
N SER B 19 -4.95 6.40 -25.30
CA SER B 19 -3.59 5.92 -25.17
C SER B 19 -3.51 4.46 -25.62
N HIS B 20 -2.38 4.10 -26.21
CA HIS B 20 -2.16 2.72 -26.62
C HIS B 20 -0.88 2.15 -26.03
N VAL B 21 -0.51 2.62 -24.84
CA VAL B 21 0.74 2.19 -24.23
C VAL B 21 0.62 0.75 -23.73
N GLU B 22 1.76 0.07 -23.64
CA GLU B 22 1.75 -1.31 -23.19
C GLU B 22 1.31 -1.44 -21.73
N ARG B 23 0.41 -2.40 -21.48
CA ARG B 23 -0.09 -2.66 -20.13
C ARG B 23 0.57 -3.86 -19.48
N THR B 24 1.27 -4.69 -20.24
CA THR B 24 1.91 -5.89 -19.73
C THR B 24 3.33 -5.96 -20.26
N THR B 25 4.12 -6.85 -19.67
CA THR B 25 5.48 -7.10 -20.12
C THR B 25 5.71 -8.59 -20.22
N ASP B 26 6.76 -8.96 -20.93
CA ASP B 26 7.13 -10.36 -20.98
C ASP B 26 7.60 -10.86 -19.62
N GLU B 27 8.19 -9.98 -18.82
CA GLU B 27 8.62 -10.36 -17.48
C GLU B 27 7.43 -10.65 -16.57
N GLY B 28 6.33 -9.93 -16.75
CA GLY B 28 5.12 -10.19 -16.00
C GLY B 28 5.14 -9.70 -14.57
N THR B 29 6.13 -8.90 -14.20
CA THR B 29 6.30 -8.49 -12.82
C THR B 29 5.47 -7.24 -12.49
N TRP B 30 5.08 -7.14 -11.22
CA TRP B 30 4.20 -6.10 -10.71
C TRP B 30 5.10 -5.03 -10.11
N VAL B 31 5.45 -4.04 -10.93
CA VAL B 31 6.50 -3.07 -10.57
C VAL B 31 5.99 -1.66 -10.39
N ALA B 32 4.77 -1.38 -10.77
CA ALA B 32 4.22 -0.04 -10.64
C ALA B 32 2.78 -0.17 -10.20
N GLY B 33 2.12 0.96 -10.06
CA GLY B 33 0.74 0.93 -9.64
C GLY B 33 0.21 2.33 -9.48
N VAL B 34 -1.07 2.39 -9.09
CA VAL B 34 -1.67 3.63 -8.65
C VAL B 34 -2.28 3.40 -7.28
N PHE B 35 -2.12 4.40 -6.42
CA PHE B 35 -2.60 4.39 -5.04
C PHE B 35 -3.75 5.39 -4.98
N VAL B 36 -4.95 4.90 -4.68
CA VAL B 36 -6.20 5.63 -4.85
C VAL B 36 -6.85 5.78 -3.48
N TYR B 37 -7.26 6.99 -3.10
CA TYR B 37 -7.70 7.19 -1.73
C TYR B 37 -8.66 8.34 -1.63
N GLY B 38 -9.25 8.51 -0.45
CA GLY B 38 -10.16 9.62 -0.21
C GLY B 38 -11.55 9.37 -0.78
N GLY B 39 -12.22 10.48 -1.06
CA GLY B 39 -13.60 10.39 -1.49
C GLY B 39 -14.46 9.91 -0.33
N SER B 40 -15.08 8.77 -0.51
CA SER B 40 -15.77 8.06 0.56
C SER B 40 -15.51 6.58 0.34
N LYS B 41 -15.84 5.78 1.36
CA LYS B 41 -15.64 4.34 1.24
C LYS B 41 -16.41 3.78 0.05
N THR B 42 -17.68 4.19 -0.10
CA THR B 42 -18.52 3.65 -1.16
C THR B 42 -18.06 4.12 -2.55
N SER B 43 -17.70 5.39 -2.67
CA SER B 43 -17.25 5.88 -3.98
C SER B 43 -15.95 5.19 -4.40
N LEU B 44 -15.03 4.95 -3.47
CA LEU B 44 -13.82 4.21 -3.79
C LEU B 44 -14.14 2.77 -4.19
N TYR B 45 -15.08 2.14 -3.48
CA TYR B 45 -15.47 0.78 -3.81
C TYR B 45 -15.97 0.72 -5.25
N ASN B 46 -16.86 1.65 -5.59
CA ASN B 46 -17.43 1.67 -6.93
C ASN B 46 -16.34 1.87 -7.98
N LEU B 47 -15.41 2.78 -7.72
CA LEU B 47 -14.30 2.97 -8.66
C LEU B 47 -13.47 1.70 -8.80
N ARG B 48 -13.19 1.04 -7.68
CA ARG B 48 -12.43 -0.21 -7.69
C ARG B 48 -13.14 -1.25 -8.56
N ARG B 49 -14.46 -1.38 -8.41
CA ARG B 49 -15.19 -2.32 -9.26
C ARG B 49 -15.11 -1.94 -10.74
N GLY B 50 -15.22 -0.65 -11.05
CA GLY B 50 -15.14 -0.24 -12.45
C GLY B 50 -13.75 -0.43 -13.03
N THR B 51 -12.72 -0.18 -12.21
CA THR B 51 -11.35 -0.40 -12.65
C THR B 51 -11.11 -1.86 -13.01
N ALA B 52 -11.64 -2.79 -12.21
CA ALA B 52 -11.47 -4.22 -12.50
C ALA B 52 -12.03 -4.60 -13.85
N LEU B 53 -13.16 -4.01 -14.22
CA LEU B 53 -13.80 -4.33 -15.50
C LEU B 53 -13.08 -3.68 -16.66
N ALA B 54 -12.63 -2.44 -16.48
CA ALA B 54 -11.95 -1.72 -17.56
C ALA B 54 -10.52 -2.18 -17.78
N ILE B 55 -9.88 -2.79 -16.77
CA ILE B 55 -8.47 -3.12 -16.86
C ILE B 55 -8.26 -4.56 -16.40
N PRO B 56 -8.56 -5.54 -17.27
CA PRO B 56 -8.32 -6.94 -16.90
C PRO B 56 -6.87 -7.22 -16.55
N GLN B 57 -5.95 -6.38 -17.01
CA GLN B 57 -4.52 -6.62 -16.84
C GLN B 57 -3.99 -6.14 -15.49
N CYS B 58 -4.80 -5.46 -14.68
CA CYS B 58 -4.42 -5.00 -13.35
C CYS B 58 -4.76 -6.04 -12.28
N ARG B 59 -4.24 -5.78 -11.08
CA ARG B 59 -4.68 -6.49 -9.87
C ARG B 59 -4.98 -5.45 -8.80
N LEU B 60 -5.96 -5.74 -7.95
CA LEU B 60 -6.42 -4.76 -6.98
C LEU B 60 -6.42 -5.30 -5.56
N THR B 61 -6.03 -4.46 -4.61
CA THR B 61 -6.27 -4.81 -3.22
C THR B 61 -7.72 -4.56 -2.87
N PRO B 62 -8.17 -5.17 -1.77
CA PRO B 62 -9.39 -4.66 -1.12
C PRO B 62 -9.22 -3.20 -0.72
N LEU B 63 -10.34 -2.56 -0.40
CA LEU B 63 -10.26 -1.33 0.37
C LEU B 63 -9.65 -1.58 1.74
N SER B 64 -8.90 -0.59 2.21
CA SER B 64 -8.38 -0.59 3.57
C SER B 64 -8.42 0.87 4.05
N ARG B 65 -7.75 1.14 5.17
N ARG B 65 -7.78 1.13 5.19
CA ARG B 65 -7.83 2.45 5.80
CA ARG B 65 -7.86 2.45 5.82
C ARG B 65 -6.45 3.09 5.88
C ARG B 65 -6.48 3.08 5.90
N LEU B 66 -6.44 4.41 5.75
CA LEU B 66 -5.19 5.13 5.90
C LEU B 66 -4.97 5.48 7.36
N PRO B 67 -3.72 5.44 7.81
CA PRO B 67 -3.36 6.10 9.08
C PRO B 67 -3.37 7.61 8.93
N PHE B 68 -3.17 8.27 10.07
CA PHE B 68 -3.09 9.72 10.09
C PHE B 68 -1.70 10.20 9.69
N GLY B 69 -1.64 11.46 9.25
CA GLY B 69 -0.37 12.09 8.97
C GLY B 69 0.21 12.83 10.16
N MET B 70 0.72 14.03 9.93
CA MET B 70 1.18 14.89 11.02
C MET B 70 0.02 15.72 11.56
N ALA B 71 0.00 15.89 12.88
CA ALA B 71 -0.95 16.78 13.53
C ALA B 71 -0.29 18.15 13.72
N PRO B 72 -1.00 19.24 13.44
CA PRO B 72 -0.41 20.57 13.72
C PRO B 72 -0.33 20.83 15.21
N GLY B 73 0.51 21.80 15.60
CA GLY B 73 0.69 22.13 17.00
C GLY B 73 1.83 21.39 17.68
N PRO B 74 2.02 21.62 18.99
CA PRO B 74 3.18 21.00 19.67
C PRO B 74 3.00 19.55 20.07
N GLY B 75 1.87 18.94 19.76
CA GLY B 75 1.67 17.52 20.02
C GLY B 75 0.38 17.29 20.76
N PRO B 76 0.00 16.02 20.95
CA PRO B 76 0.75 14.80 20.57
C PRO B 76 0.58 14.40 19.11
N GLN B 77 1.59 13.70 18.53
CA GLN B 77 1.36 13.13 17.21
C GLN B 77 0.61 11.80 17.33
N PRO B 78 -0.10 11.39 16.28
CA PRO B 78 -0.80 10.10 16.35
C PRO B 78 0.19 8.95 16.34
N GLY B 79 -0.18 7.87 17.03
CA GLY B 79 0.59 6.65 16.96
C GLY B 79 0.56 6.07 15.56
N PRO B 80 1.59 5.29 15.22
CA PRO B 80 1.67 4.79 13.84
C PRO B 80 0.54 3.90 13.43
N LEU B 81 -0.10 3.21 14.36
CA LEU B 81 -1.17 2.30 14.02
C LEU B 81 -2.55 2.94 13.94
N ARG B 82 -2.72 4.16 14.45
CA ARG B 82 -4.05 4.76 14.46
C ARG B 82 -4.64 4.78 13.06
N GLU B 83 -5.92 4.45 12.94
CA GLU B 83 -6.61 4.42 11.65
C GLU B 83 -7.58 5.58 11.54
N SER B 84 -7.58 6.23 10.39
CA SER B 84 -8.55 7.27 10.06
C SER B 84 -9.77 6.66 9.38
N ILE B 85 -10.75 7.50 9.11
CA ILE B 85 -11.92 7.10 8.32
C ILE B 85 -11.67 7.15 6.82
N VAL B 86 -10.50 7.61 6.38
CA VAL B 86 -10.21 7.72 4.96
C VAL B 86 -9.72 6.37 4.46
N CYS B 87 -10.28 5.90 3.36
CA CYS B 87 -9.94 4.61 2.79
C CYS B 87 -9.00 4.75 1.58
N TYR B 88 -8.43 3.61 1.19
CA TYR B 88 -7.60 3.53 -0.01
C TYR B 88 -7.72 2.15 -0.65
N PHE B 89 -7.29 2.05 -1.90
CA PHE B 89 -6.94 0.77 -2.49
C PHE B 89 -5.75 0.97 -3.42
N MET B 90 -5.06 -0.14 -3.70
N MET B 90 -5.11 -0.14 -3.75
CA MET B 90 -3.92 -0.14 -4.60
CA MET B 90 -3.96 -0.12 -4.64
C MET B 90 -4.25 -0.93 -5.86
C MET B 90 -4.28 -0.92 -5.88
N VAL B 91 -3.82 -0.38 -7.00
CA VAL B 91 -3.84 -1.03 -8.30
C VAL B 91 -2.41 -1.43 -8.62
N PHE B 92 -2.17 -2.74 -8.82
CA PHE B 92 -0.87 -3.22 -9.23
C PHE B 92 -0.81 -3.32 -10.75
N LEU B 93 0.31 -2.88 -11.33
CA LEU B 93 0.47 -2.85 -12.77
C LEU B 93 1.85 -3.33 -13.20
N GLN B 94 1.93 -3.82 -14.44
CA GLN B 94 3.19 -4.32 -14.97
C GLN B 94 4.04 -3.24 -15.64
N THR B 95 3.47 -2.08 -15.96
CA THR B 95 4.26 -1.02 -16.57
C THR B 95 4.00 0.32 -15.89
N HIS B 96 5.07 1.07 -15.65
CA HIS B 96 4.95 2.44 -15.14
C HIS B 96 4.27 3.35 -16.16
N ILE B 97 4.50 3.11 -17.45
CA ILE B 97 3.94 3.99 -18.47
C ILE B 97 2.41 3.94 -18.43
N PHE B 98 1.85 2.76 -18.20
CA PHE B 98 0.39 2.67 -18.09
C PHE B 98 -0.11 3.17 -16.73
N ALA B 99 0.67 2.98 -15.67
CA ALA B 99 0.32 3.62 -14.40
C ALA B 99 0.07 5.11 -14.57
N GLU B 100 0.95 5.80 -15.33
N GLU B 100 0.95 5.80 -15.32
CA GLU B 100 0.78 7.23 -15.55
CA GLU B 100 0.76 7.23 -15.54
C GLU B 100 -0.51 7.53 -16.28
C GLU B 100 -0.54 7.51 -16.27
N VAL B 101 -0.84 6.71 -17.29
CA VAL B 101 -2.06 6.89 -18.07
C VAL B 101 -3.28 6.66 -17.19
N LEU B 102 -3.22 5.65 -16.33
CA LEU B 102 -4.36 5.33 -15.49
C LEU B 102 -4.59 6.42 -14.45
N LYS B 103 -3.51 6.93 -13.85
CA LYS B 103 -3.63 8.05 -12.95
C LYS B 103 -4.32 9.22 -13.63
N ASP B 104 -3.91 9.57 -14.84
CA ASP B 104 -4.55 10.70 -15.52
C ASP B 104 -6.01 10.40 -15.79
N ALA B 105 -6.34 9.15 -16.14
CA ALA B 105 -7.72 8.82 -16.48
C ALA B 105 -8.62 8.89 -15.25
N ILE B 106 -8.15 8.37 -14.12
CA ILE B 106 -8.92 8.45 -12.88
C ILE B 106 -9.20 9.89 -12.50
N LYS B 107 -8.17 10.74 -12.54
CA LYS B 107 -8.36 12.15 -12.22
C LYS B 107 -9.39 12.78 -13.13
N ASP B 108 -9.28 12.52 -14.44
CA ASP B 108 -10.22 13.12 -15.38
C ASP B 108 -11.62 12.58 -15.19
N LEU B 109 -11.75 11.32 -14.78
CA LEU B 109 -13.07 10.74 -14.60
C LEU B 109 -13.78 11.33 -13.39
N VAL B 110 -13.09 11.35 -12.25
CA VAL B 110 -13.78 11.69 -11.01
C VAL B 110 -14.11 13.17 -10.95
N MET B 111 -13.39 14.02 -11.67
N MET B 111 -13.38 14.02 -11.66
CA MET B 111 -13.65 15.45 -11.60
CA MET B 111 -13.65 15.45 -11.60
C MET B 111 -14.94 15.83 -12.30
C MET B 111 -14.95 15.82 -12.28
N THR B 112 -15.58 14.89 -13.01
CA THR B 112 -16.84 15.16 -13.68
C THR B 112 -18.04 14.91 -12.76
N LYS B 113 -17.81 14.48 -11.54
CA LYS B 113 -18.88 14.08 -10.64
C LYS B 113 -18.88 14.97 -9.41
N PRO B 114 -20.01 15.07 -8.71
CA PRO B 114 -20.05 15.86 -7.47
C PRO B 114 -19.40 15.11 -6.31
N ALA B 115 -19.19 15.84 -5.23
CA ALA B 115 -18.65 15.23 -4.03
C ALA B 115 -19.59 14.11 -3.59
N PRO B 116 -19.05 13.03 -3.00
CA PRO B 116 -17.63 12.89 -2.65
C PRO B 116 -16.72 12.33 -3.74
N THR B 117 -17.31 11.90 -4.87
CA THR B 117 -16.53 11.24 -5.91
C THR B 117 -15.36 12.10 -6.35
N CYS B 118 -15.59 13.40 -6.52
CA CYS B 118 -14.54 14.29 -7.00
C CYS B 118 -13.40 14.49 -6.01
N ASN B 119 -13.58 14.05 -4.76
CA ASN B 119 -12.53 14.17 -3.75
C ASN B 119 -11.63 12.93 -3.70
N ILE B 120 -11.85 11.95 -4.58
CA ILE B 120 -10.94 10.84 -4.72
C ILE B 120 -9.61 11.38 -5.27
N ARG B 121 -8.53 10.89 -4.68
N ARG B 121 -8.52 10.91 -4.69
CA ARG B 121 -7.17 11.26 -5.04
CA ARG B 121 -7.19 11.30 -5.11
C ARG B 121 -6.44 10.05 -5.58
C ARG B 121 -6.39 10.08 -5.51
N VAL B 122 -5.39 10.30 -6.37
CA VAL B 122 -4.64 9.21 -6.97
C VAL B 122 -3.23 9.67 -7.23
N THR B 123 -2.25 8.80 -6.88
CA THR B 123 -0.86 9.02 -7.23
C THR B 123 -0.30 7.73 -7.81
N VAL B 124 0.58 7.87 -8.81
CA VAL B 124 1.39 6.75 -9.28
C VAL B 124 2.28 6.32 -8.14
N CYS B 125 2.53 5.02 -8.09
CA CYS B 125 3.52 4.48 -7.16
C CYS B 125 4.36 3.45 -7.87
N SER B 126 5.54 3.20 -7.31
CA SER B 126 6.47 2.22 -7.85
C SER B 126 7.02 1.36 -6.73
N PHE B 127 7.37 0.13 -7.09
CA PHE B 127 7.89 -0.88 -6.15
C PHE B 127 9.31 -1.22 -6.59
N ASP B 128 10.31 -0.84 -5.79
CA ASP B 128 11.70 -0.96 -6.19
C ASP B 128 12.01 -2.38 -6.69
N ASP B 129 11.58 -3.38 -5.94
CA ASP B 129 11.90 -4.78 -6.22
C ASP B 129 10.71 -5.55 -6.77
N GLY B 130 9.61 -4.86 -7.08
CA GLY B 130 8.39 -5.53 -7.50
C GLY B 130 7.68 -6.14 -6.31
N VAL B 131 6.43 -6.54 -6.55
CA VAL B 131 5.63 -7.30 -5.60
C VAL B 131 5.32 -8.66 -6.21
N ASP B 132 5.71 -9.74 -5.52
CA ASP B 132 5.49 -11.09 -6.02
C ASP B 132 4.09 -11.54 -5.61
N LEU B 133 3.10 -11.08 -6.36
CA LEU B 133 1.73 -11.48 -6.11
C LEU B 133 1.61 -13.00 -6.29
N PRO B 134 0.84 -13.69 -5.46
CA PRO B 134 0.87 -15.16 -5.45
C PRO B 134 0.17 -15.81 -6.62
C22 KWG C . -18.83 7.42 -15.54
C20 KWG C . -18.68 8.90 -17.40
C11 KWG C . -20.52 8.51 -9.43
C12 KWG C . -21.82 8.49 -9.89
C13 KWG C . -21.90 7.49 -10.86
C17 KWG C . -18.28 8.41 -14.76
C02 KWG C . -19.10 6.83 -7.42
C04 KWG C . -18.12 6.99 -8.56
C05 KWG C . -16.79 6.76 -8.26
C06 KWG C . -15.83 6.88 -9.23
C07 KWG C . -16.20 7.23 -10.52
C08 KWG C . -17.53 7.45 -10.79
C09 KWG C . -18.52 7.35 -9.84
C14 KWG C . -20.62 6.95 -10.96
C15 KWG C . -17.89 7.86 -12.19
C16 KWG C . -18.06 8.12 -13.31
C18 KWG C . -17.93 9.65 -15.27
C19 KWG C . -18.15 9.88 -16.61
C21 KWG C . -19.04 7.67 -16.87
N10 KWG C . -19.82 7.59 -10.09
O01 KWG C . -19.97 5.94 -7.49
O03 KWG C . -19.01 7.63 -6.44
H221 KWG C . -19.04 6.60 -15.16
H201 KWG C . -18.82 9.06 -18.30
H111 KWG C . -20.19 9.07 -8.78
H121 KWG C . -22.52 9.04 -9.61
H131 KWG C . -22.65 7.23 -11.34
H051 KWG C . -16.54 6.52 -7.40
H061 KWG C . -14.93 6.73 -9.03
H071 KWG C . -15.56 7.30 -11.20
H141 KWG C . -20.36 6.28 -11.54
H181 KWG C . -17.56 10.30 -14.72
H191 KWG C . -17.92 10.71 -16.98
H211 KWG C . -19.43 7.02 -17.42
#